data_5VXR
#
_entry.id   5VXR
#
_cell.length_a   70.370
_cell.length_b   53.338
_cell.length_c   133.903
_cell.angle_alpha   90.00
_cell.angle_beta   93.53
_cell.angle_gamma   90.00
#
_symmetry.space_group_name_H-M   'I 1 2 1'
#
loop_
_entity.id
_entity.type
_entity.pdbx_description
1 polymer 'MAb24 Variable Heavy Chain,MAb24 Variable Heavy Chain'
2 polymer 'MAb24 Variable Light Chain,MAb24 Variable Light Chain'
3 polymer 'Virus Envelope Protein 2'
4 non-polymer GLYCEROL
5 water water
#
loop_
_entity_poly.entity_id
_entity_poly.type
_entity_poly.pdbx_seq_one_letter_code
_entity_poly.pdbx_strand_id
1 'polypeptide(L)'
;VQLQESGPSLVKPSQTLSLTCSVTGDSITSGYWNWIRKFPGNKLEYVGYISYSGDTYYNPSLKSRISITRDTSKNQYYLQ
LNSVTSEDTATYYCARMGYGSQPGFGSWGQGTLVTVSAAKTTPPSVYPLAPGSGDTTGSSVTLGCLVKGYFPESVTVTWN
SGSLSSSVHTFPALLQSGLYTMSSSVTVPSSTWPSQTVTCSVAHPASSTTVDKKLEP
;
H
2 'polypeptide(L)'
;NIVLTQSPVSLAVSLGQRATISCRASESVDSYGKSFLHWYQQKPGQPPKLLIYLASNLESGVPARFSGSGSRTDFTLTID
PVEADDAATYYCQHNNEDPWTFGGGTKLEIKRADAAPTVSIFPPSSEQLTSGGASVVCFLNNFYPKDINVKWKIDGSERN
NGVLNSWTDQDSKDSTYSMSSTLTLTKDEYERHNSYTCEATHKTSTSPIVKSFNRND
;
L
3 'polypeptide(L)' QLINTNGSWHVN P
#
# COMPACT_ATOMS: atom_id res chain seq x y z
N VAL A 1 -16.13 7.54 16.06
CA VAL A 1 -15.18 8.60 15.74
C VAL A 1 -14.62 8.37 14.34
N GLN A 2 -14.39 9.47 13.61
CA GLN A 2 -13.78 9.45 12.29
C GLN A 2 -12.68 10.51 12.27
N LEU A 3 -11.53 10.18 11.67
CA LEU A 3 -10.40 11.11 11.55
C LEU A 3 -10.07 11.28 10.10
N GLN A 4 -9.59 12.48 9.73
CA GLN A 4 -9.22 12.71 8.33
C GLN A 4 -8.06 13.68 8.23
N GLU A 5 -6.96 13.22 7.62
CA GLU A 5 -5.77 14.04 7.40
C GLU A 5 -5.96 14.94 6.20
N SER A 6 -5.33 16.10 6.22
CA SER A 6 -5.29 17.00 5.05
C SER A 6 -3.98 17.73 5.11
N GLY A 7 -3.45 18.04 3.94
CA GLY A 7 -2.20 18.77 3.82
C GLY A 7 -1.69 18.64 2.40
N PRO A 8 -0.51 19.19 2.12
CA PRO A 8 0.02 19.15 0.75
C PRO A 8 0.57 17.79 0.34
N SER A 9 0.54 17.52 -0.97
CA SER A 9 1.10 16.30 -1.55
C SER A 9 2.61 16.39 -1.72
N LEU A 10 3.11 17.61 -1.97
CA LEU A 10 4.52 17.82 -2.29
C LEU A 10 5.01 19.02 -1.50
N VAL A 11 6.17 18.88 -0.86
CA VAL A 11 6.83 19.92 -0.04
C VAL A 11 8.28 19.95 -0.48
N LYS A 12 8.86 21.16 -0.61
CA LYS A 12 10.24 21.27 -1.04
C LYS A 12 11.19 21.06 0.13
N PRO A 13 12.39 20.48 -0.10
CA PRO A 13 13.36 20.30 0.99
C PRO A 13 13.66 21.62 1.69
N SER A 14 13.84 21.58 3.03
CA SER A 14 14.07 22.73 3.90
C SER A 14 12.78 23.46 4.31
N GLN A 15 11.62 23.20 3.67
CA GLN A 15 10.40 23.89 4.04
C GLN A 15 9.73 23.19 5.27
N THR A 16 8.64 23.78 5.76
CA THR A 16 7.86 23.24 6.87
C THR A 16 6.66 22.47 6.32
N LEU A 17 6.46 21.22 6.77
CA LEU A 17 5.29 20.40 6.43
C LEU A 17 4.23 20.69 7.50
N SER A 18 3.02 21.04 7.09
CA SER A 18 1.91 21.35 7.99
C SER A 18 0.73 20.45 7.63
N LEU A 19 0.31 19.61 8.58
CA LEU A 19 -0.83 18.73 8.37
C LEU A 19 -1.92 18.99 9.38
N THR A 20 -3.16 18.75 8.99
CA THR A 20 -4.32 18.90 9.86
C THR A 20 -5.04 17.58 9.99
N CYS A 21 -5.53 17.25 11.20
CA CYS A 21 -6.43 16.14 11.39
C CYS A 21 -7.80 16.70 11.83
N SER A 22 -8.86 16.42 11.05
CA SER A 22 -10.23 16.82 11.36
C SER A 22 -10.96 15.63 11.97
N VAL A 23 -11.37 15.76 13.23
CA VAL A 23 -12.05 14.71 13.99
C VAL A 23 -13.56 14.99 14.02
N THR A 24 -14.37 13.96 13.77
CA THR A 24 -15.83 14.04 13.82
C THR A 24 -16.35 12.85 14.62
N GLY A 25 -17.53 12.98 15.22
CA GLY A 25 -18.17 11.92 15.99
C GLY A 25 -17.66 11.71 17.40
N ASP A 26 -16.77 12.58 17.89
CA ASP A 26 -16.21 12.51 19.24
C ASP A 26 -15.43 13.78 19.48
N SER A 27 -15.29 14.22 20.74
CA SER A 27 -14.53 15.43 21.05
C SER A 27 -13.07 15.10 21.36
N ILE A 28 -12.15 16.00 20.93
CA ILE A 28 -10.72 15.83 21.20
C ILE A 28 -10.35 16.25 22.65
N THR A 29 -11.35 16.69 23.49
CA THR A 29 -11.12 16.98 24.91
C THR A 29 -11.10 15.70 25.77
N SER A 30 -11.29 14.50 25.14
CA SER A 30 -11.08 13.20 25.77
CA SER A 30 -11.09 13.19 25.75
C SER A 30 -10.18 12.40 24.81
N GLY A 31 -9.45 11.45 25.34
CA GLY A 31 -8.54 10.64 24.54
C GLY A 31 -7.21 11.31 24.25
N TYR A 32 -6.35 10.59 23.51
CA TYR A 32 -5.05 11.03 23.05
C TYR A 32 -5.06 11.06 21.54
N TRP A 33 -4.46 12.09 20.95
CA TRP A 33 -4.56 12.37 19.52
C TRP A 33 -3.16 12.36 18.91
N ASN A 34 -2.89 11.36 18.08
CA ASN A 34 -1.58 10.98 17.65
C ASN A 34 -1.32 11.21 16.21
N TRP A 35 -0.03 11.25 15.87
CA TRP A 35 0.45 11.26 14.52
C TRP A 35 1.43 10.07 14.38
N ILE A 36 1.34 9.36 13.26
CA ILE A 36 2.16 8.18 12.94
C ILE A 36 2.53 8.31 11.48
N ARG A 37 3.68 7.82 11.06
CA ARG A 37 3.98 7.88 9.63
C ARG A 37 4.54 6.56 9.17
N LYS A 38 4.31 6.24 7.89
CA LYS A 38 4.80 5.03 7.27
C LYS A 38 5.67 5.43 6.08
N PHE A 39 6.95 5.02 6.12
CA PHE A 39 7.86 5.36 5.06
C PHE A 39 7.57 4.49 3.87
N PRO A 40 8.05 4.89 2.67
CA PRO A 40 7.85 4.07 1.47
C PRO A 40 8.20 2.59 1.63
N GLY A 41 9.29 2.24 2.32
CA GLY A 41 9.64 0.84 2.49
C GLY A 41 8.65 0.04 3.33
N LYS A 43 8.24 0.64 6.89
CA LYS A 43 8.51 0.99 8.29
C LYS A 43 7.48 1.99 8.85
N LEU A 44 6.89 1.69 10.02
CA LEU A 44 6.00 2.56 10.75
C LEU A 44 6.78 3.26 11.86
N GLU A 45 6.58 4.57 12.04
CA GLU A 45 7.24 5.35 13.06
C GLU A 45 6.24 6.17 13.82
N TYR A 46 6.34 6.16 15.16
CA TYR A 46 5.47 6.98 15.99
C TYR A 46 5.99 8.42 15.97
N VAL A 47 5.11 9.42 15.75
CA VAL A 47 5.56 10.83 15.68
C VAL A 47 5.28 11.55 17.01
N GLY A 48 4.03 11.50 17.49
CA GLY A 48 3.73 12.12 18.77
C GLY A 48 2.26 12.28 19.03
N TYR A 49 1.91 12.84 20.21
CA TYR A 49 0.52 13.12 20.53
C TYR A 49 0.31 14.48 21.14
N ILE A 50 -0.96 14.89 21.15
CA ILE A 50 -1.48 15.93 21.99
C ILE A 50 -2.62 15.27 22.82
N SER A 51 -2.57 15.43 24.15
CA SER A 51 -3.56 14.80 25.03
C SER A 51 -4.85 15.56 25.09
N TYR A 52 -5.84 14.94 25.76
CA TYR A 52 -7.14 15.54 26.05
C TYR A 52 -6.99 16.92 26.73
N SER A 53 -5.90 17.15 27.50
CA SER A 53 -5.68 18.43 28.21
C SER A 53 -4.66 19.35 27.49
N GLY A 54 -4.23 18.97 26.27
CA GLY A 54 -3.30 19.78 25.50
C GLY A 54 -1.82 19.55 25.75
N ASP A 55 -1.45 18.53 26.58
CA ASP A 55 -0.04 18.20 26.81
C ASP A 55 0.47 17.36 25.66
N THR A 56 1.75 17.46 25.35
CA THR A 56 2.29 16.76 24.20
C THR A 56 3.36 15.73 24.58
N TYR A 57 3.64 14.85 23.63
CA TYR A 57 4.68 13.82 23.73
C TYR A 57 5.20 13.59 22.35
N TYR A 58 6.51 13.77 22.16
CA TYR A 58 7.10 13.65 20.86
C TYR A 58 8.13 12.56 20.79
N ASN A 59 8.24 11.93 19.63
CA ASN A 59 9.34 11.01 19.31
C ASN A 59 10.66 11.80 19.59
N PRO A 60 11.56 11.26 20.42
CA PRO A 60 12.78 12.02 20.78
C PRO A 60 13.68 12.37 19.60
N SER A 61 13.68 11.54 18.53
CA SER A 61 14.47 11.87 17.35
C SER A 61 13.89 13.00 16.49
N LEU A 62 12.64 13.42 16.77
CA LEU A 62 11.95 14.50 16.05
C LEU A 62 11.69 15.72 16.93
N LYS A 63 11.96 15.67 18.25
CA LYS A 63 11.62 16.74 19.20
C LYS A 63 12.13 18.11 18.80
N SER A 64 13.30 18.21 18.17
CA SER A 64 13.83 19.53 17.78
C SER A 64 13.12 20.14 16.54
N ARG A 65 12.35 19.34 15.76
CA ARG A 65 11.70 19.82 14.54
C ARG A 65 10.17 19.80 14.54
N ILE A 66 9.52 19.23 15.58
CA ILE A 66 8.08 19.09 15.48
C ILE A 66 7.33 19.89 16.52
N SER A 67 6.07 20.15 16.18
CA SER A 67 5.11 20.77 17.06
C SER A 67 3.75 20.19 16.79
N ILE A 68 3.04 19.75 17.81
CA ILE A 68 1.67 19.30 17.69
C ILE A 68 0.83 20.28 18.48
N THR A 69 -0.19 20.83 17.85
CA THR A 69 -1.11 21.80 18.48
C THR A 69 -2.54 21.39 18.18
N ARG A 70 -3.52 22.09 18.79
CA ARG A 70 -4.92 21.75 18.56
C ARG A 70 -5.82 22.96 18.59
N ASP A 71 -7.06 22.78 18.11
CA ASP A 71 -8.11 23.78 18.23
C ASP A 71 -9.35 23.02 18.67
N THR A 72 -9.64 22.99 19.98
CA THR A 72 -10.79 22.24 20.52
C THR A 72 -12.14 22.79 20.00
N SER A 73 -12.20 24.07 19.57
CA SER A 73 -13.46 24.62 19.06
C SER A 73 -13.77 24.06 17.67
N LYS A 74 -12.73 23.72 16.89
CA LYS A 74 -12.87 23.11 15.57
C LYS A 74 -12.75 21.58 15.59
N ASN A 75 -12.34 21.00 16.72
CA ASN A 75 -12.10 19.56 16.87
C ASN A 75 -11.05 19.13 15.85
N GLN A 76 -9.97 19.92 15.80
CA GLN A 76 -8.86 19.67 14.90
C GLN A 76 -7.57 19.66 15.66
N TYR A 77 -6.59 18.91 15.15
CA TYR A 77 -5.25 18.99 15.70
C TYR A 77 -4.30 18.95 14.54
N TYR A 78 -3.08 19.42 14.78
CA TYR A 78 -2.16 19.75 13.73
C TYR A 78 -0.76 19.25 13.98
N LEU A 79 -0.04 18.95 12.91
CA LEU A 79 1.36 18.58 12.94
C LEU A 79 2.16 19.57 12.15
N GLN A 80 3.24 20.08 12.73
CA GLN A 80 4.21 20.90 12.06
C GLN A 80 5.55 20.17 12.12
N LEU A 81 6.19 19.93 10.98
CA LEU A 81 7.51 19.31 10.91
C LEU A 81 8.43 20.26 10.12
N ASN A 82 9.42 20.85 10.79
CA ASN A 82 10.29 21.83 10.11
C ASN A 82 11.44 21.18 9.37
N SER A 83 12.09 21.95 8.46
CA SER A 83 13.30 21.58 7.78
C SER A 83 13.23 20.18 7.16
N VAL A 84 12.17 19.91 6.41
CA VAL A 84 11.98 18.57 5.86
C VAL A 84 13.06 18.21 4.81
N THR A 85 13.38 16.92 4.70
CA THR A 85 14.27 16.34 3.69
C THR A 85 13.54 15.16 3.04
N SER A 86 14.19 14.52 2.05
CA SER A 86 13.64 13.34 1.38
C SER A 86 13.33 12.21 2.39
N GLU A 87 14.01 12.20 3.55
CA GLU A 87 13.79 11.23 4.62
C GLU A 87 12.43 11.42 5.31
N ASP A 88 11.75 12.57 5.13
CA ASP A 88 10.42 12.78 5.68
C ASP A 88 9.29 12.37 4.69
N THR A 89 9.65 11.88 3.48
CA THR A 89 8.61 11.38 2.57
C THR A 89 7.95 10.18 3.22
N ALA A 90 6.65 10.21 3.35
CA ALA A 90 5.93 9.13 4.06
C ALA A 90 4.45 9.32 3.94
N THR A 91 3.66 8.29 4.35
CA THR A 91 2.23 8.41 4.53
C THR A 91 2.02 8.81 5.97
N TYR A 92 1.36 9.92 6.21
CA TYR A 92 1.11 10.43 7.55
C TYR A 92 -0.29 10.09 7.96
N TYR A 93 -0.44 9.52 9.16
CA TYR A 93 -1.72 9.15 9.72
C TYR A 93 -2.01 9.84 11.01
N CYS A 94 -3.29 10.14 11.27
CA CYS A 94 -3.69 10.59 12.59
C CYS A 94 -4.47 9.41 13.21
N ALA A 95 -4.36 9.26 14.51
CA ALA A 95 -5.01 8.15 15.21
C ALA A 95 -5.34 8.50 16.64
N ARG A 96 -6.46 7.92 17.11
CA ARG A 96 -6.91 8.10 18.49
C ARG A 96 -6.41 6.96 19.36
N MET A 97 -6.04 7.27 20.60
CA MET A 97 -5.70 6.32 21.64
C MET A 97 -6.59 6.63 22.84
N GLY A 98 -6.96 5.60 23.57
CA GLY A 98 -7.69 5.74 24.83
C GLY A 98 -6.74 5.87 26.00
N TYR A 99 -7.22 5.60 27.21
CA TYR A 99 -6.40 5.69 28.41
C TYR A 99 -5.86 4.27 28.75
N GLY A 100 -5.45 4.05 29.98
CA GLY A 100 -4.85 2.79 30.39
C GLY A 100 -5.61 1.51 30.10
N SER A 101 -6.94 1.58 29.97
CA SER A 101 -7.71 0.37 29.68
CA SER A 101 -7.77 0.41 29.68
C SER A 101 -7.91 0.16 28.17
N GLN A 102 -7.60 1.18 27.33
CA GLN A 102 -7.68 1.06 25.86
C GLN A 102 -6.49 1.86 25.26
N PRO A 103 -5.27 1.34 25.44
CA PRO A 103 -4.10 2.11 25.06
C PRO A 103 -3.58 1.86 23.65
N GLY A 104 -4.31 1.10 22.86
CA GLY A 104 -3.98 0.90 21.46
C GLY A 104 -4.46 2.06 20.62
N PHE A 105 -4.00 2.09 19.34
CA PHE A 105 -4.46 3.10 18.38
C PHE A 105 -5.73 2.52 17.76
N GLY A 106 -6.86 2.86 18.34
CA GLY A 106 -8.12 2.27 17.94
C GLY A 106 -8.78 2.79 16.69
N SER A 107 -8.61 4.09 16.39
CA SER A 107 -9.24 4.70 15.24
C SER A 107 -8.19 5.47 14.48
N TRP A 108 -8.18 5.34 13.15
CA TRP A 108 -7.18 5.94 12.28
C TRP A 108 -7.81 6.69 11.14
N GLY A 109 -7.14 7.72 10.68
CA GLY A 109 -7.52 8.35 9.42
C GLY A 109 -7.01 7.46 8.29
N GLN A 110 -7.41 7.76 7.03
CA GLN A 110 -6.98 6.96 5.87
C GLN A 110 -5.51 7.18 5.48
N GLY A 111 -4.92 8.26 5.96
CA GLY A 111 -3.53 8.59 5.70
C GLY A 111 -3.39 9.50 4.51
N THR A 112 -2.33 10.33 4.48
CA THR A 112 -2.06 11.20 3.34
C THR A 112 -0.58 11.10 3.04
N LEU A 113 -0.22 10.86 1.77
CA LEU A 113 1.16 10.72 1.33
C LEU A 113 1.75 12.10 1.08
N VAL A 114 2.87 12.41 1.72
CA VAL A 114 3.60 13.65 1.50
C VAL A 114 4.95 13.29 0.94
N THR A 115 5.30 13.88 -0.23
CA THR A 115 6.57 13.67 -0.85
C THR A 115 7.39 14.93 -0.65
N VAL A 116 8.66 14.77 -0.25
CA VAL A 116 9.57 15.88 -0.11
C VAL A 116 10.52 15.83 -1.29
N SER A 117 10.41 16.81 -2.19
CA SER A 117 11.21 16.84 -3.40
C SER A 117 11.23 18.24 -3.99
N ALA A 118 12.31 18.56 -4.73
CA ALA A 118 12.39 19.86 -5.40
C ALA A 118 11.75 19.76 -6.78
N ALA A 119 11.45 18.52 -7.26
CA ALA A 119 10.83 18.32 -8.58
C ALA A 119 9.41 18.92 -8.67
N LYS A 120 8.99 19.25 -9.89
CA LYS A 120 7.68 19.85 -10.11
C LYS A 120 6.61 18.78 -10.23
N THR A 121 5.38 19.14 -9.90
CA THR A 121 4.23 18.26 -10.06
C THR A 121 3.97 18.12 -11.56
N THR A 122 3.76 16.88 -12.03
CA THR A 122 3.48 16.56 -13.42
C THR A 122 2.23 15.63 -13.49
N PRO A 123 1.20 15.98 -14.26
CA PRO A 123 0.02 15.11 -14.35
C PRO A 123 0.29 13.93 -15.24
N PRO A 124 -0.49 12.86 -15.09
CA PRO A 124 -0.23 11.67 -15.91
C PRO A 124 -0.79 11.72 -17.32
N SER A 125 -0.12 10.98 -18.22
CA SER A 125 -0.65 10.63 -19.52
C SER A 125 -1.31 9.29 -19.31
N VAL A 126 -2.54 9.12 -19.80
CA VAL A 126 -3.32 7.90 -19.64
C VAL A 126 -3.52 7.28 -20.98
N TYR A 127 -3.00 6.05 -21.20
CA TYR A 127 -3.13 5.40 -22.49
C TYR A 127 -4.02 4.17 -22.37
N PRO A 128 -4.94 3.98 -23.31
CA PRO A 128 -5.82 2.82 -23.22
C PRO A 128 -5.10 1.56 -23.67
N LEU A 129 -5.46 0.44 -23.03
CA LEU A 129 -4.93 -0.88 -23.32
C LEU A 129 -6.10 -1.74 -23.76
N ALA A 130 -6.24 -1.89 -25.10
CA ALA A 130 -7.30 -2.63 -25.75
C ALA A 130 -6.66 -3.74 -26.60
N PRO A 131 -7.28 -4.93 -26.72
CA PRO A 131 -6.62 -6.00 -27.49
C PRO A 131 -6.32 -5.58 -28.93
N GLY A 132 -5.21 -6.06 -29.45
CA GLY A 132 -4.80 -5.79 -30.82
C GLY A 132 -5.73 -6.45 -31.81
N SER A 133 -5.54 -6.17 -33.12
CA SER A 133 -6.34 -6.73 -34.24
C SER A 133 -6.76 -8.19 -34.00
N THR A 137 -11.96 -13.54 -29.91
CA THR A 137 -12.65 -13.04 -28.73
C THR A 137 -13.22 -14.23 -27.94
N GLY A 138 -12.93 -14.26 -26.63
CA GLY A 138 -13.42 -15.30 -25.71
C GLY A 138 -14.64 -14.84 -24.94
N SER A 139 -15.01 -15.54 -23.87
CA SER A 139 -16.17 -15.15 -23.05
C SER A 139 -15.85 -13.95 -22.16
N SER A 140 -14.56 -13.66 -21.92
CA SER A 140 -14.14 -12.51 -21.13
C SER A 140 -13.15 -11.70 -21.92
N VAL A 141 -13.02 -10.42 -21.57
CA VAL A 141 -12.06 -9.54 -22.20
C VAL A 141 -11.37 -8.73 -21.12
N THR A 142 -10.03 -8.65 -21.20
CA THR A 142 -9.25 -7.88 -20.27
C THR A 142 -8.81 -6.62 -20.97
N LEU A 143 -9.09 -5.48 -20.35
CA LEU A 143 -8.72 -4.15 -20.76
C LEU A 143 -7.83 -3.54 -19.69
N GLY A 144 -7.20 -2.43 -20.03
CA GLY A 144 -6.39 -1.76 -19.04
C GLY A 144 -6.11 -0.32 -19.37
N CYS A 145 -5.43 0.35 -18.44
CA CYS A 145 -4.94 1.68 -18.70
C CYS A 145 -3.53 1.75 -18.20
N LEU A 146 -2.67 2.41 -18.97
CA LEU A 146 -1.26 2.62 -18.66
C LEU A 146 -1.17 4.07 -18.26
N VAL A 147 -0.71 4.35 -17.04
CA VAL A 147 -0.66 5.69 -16.47
C VAL A 147 0.79 6.07 -16.33
N LYS A 148 1.28 6.98 -17.20
CA LYS A 148 2.69 7.30 -17.25
C LYS A 148 3.02 8.75 -17.07
N GLY A 149 4.25 8.98 -16.63
CA GLY A 149 4.86 10.29 -16.60
C GLY A 149 4.35 11.28 -15.58
N TYR A 150 3.95 10.80 -14.40
CA TYR A 150 3.41 11.68 -13.38
C TYR A 150 4.32 11.75 -12.17
N PHE A 151 4.11 12.79 -11.40
CA PHE A 151 4.85 13.01 -10.16
C PHE A 151 4.09 14.01 -9.33
N PRO A 152 4.06 13.87 -8.01
CA PRO A 152 4.48 12.73 -7.17
C PRO A 152 3.37 11.68 -7.15
N GLU A 153 3.56 10.65 -6.29
CA GLU A 153 2.48 9.69 -6.03
C GLU A 153 1.37 10.42 -5.24
N SER A 154 0.13 9.95 -5.21
CA SER A 154 -0.39 8.74 -5.84
C SER A 154 -1.42 9.07 -6.88
N VAL A 155 -1.89 8.03 -7.58
CA VAL A 155 -3.03 8.12 -8.46
C VAL A 155 -4.03 7.06 -8.00
N THR A 156 -5.30 7.25 -8.32
CA THR A 156 -6.37 6.28 -8.07
C THR A 156 -7.02 6.04 -9.41
N VAL A 157 -7.15 4.78 -9.81
CA VAL A 157 -7.83 4.39 -11.03
C VAL A 157 -9.16 3.76 -10.66
N THR A 158 -10.28 4.29 -11.20
CA THR A 158 -11.61 3.72 -10.99
C THR A 158 -12.18 3.36 -12.35
N TRP A 159 -12.77 2.19 -12.47
CA TRP A 159 -13.38 1.71 -13.71
C TRP A 159 -14.90 1.86 -13.62
N ASN A 160 -15.54 2.31 -14.70
CA ASN A 160 -16.99 2.53 -14.68
N SER A 167 -13.14 -7.43 -10.40
CA SER A 167 -12.35 -7.91 -11.54
C SER A 167 -11.23 -6.93 -11.93
N VAL A 168 -10.84 -6.05 -11.02
CA VAL A 168 -9.81 -5.02 -11.24
C VAL A 168 -8.52 -5.40 -10.55
N HIS A 169 -7.38 -5.12 -11.19
CA HIS A 169 -6.07 -5.22 -10.58
C HIS A 169 -5.40 -3.88 -10.71
N THR A 170 -4.86 -3.36 -9.61
CA THR A 170 -4.08 -2.13 -9.55
C THR A 170 -2.63 -2.49 -9.40
N PHE A 171 -1.79 -2.11 -10.36
CA PHE A 171 -0.36 -2.45 -10.26
C PHE A 171 0.40 -1.29 -9.65
N PRO A 172 1.11 -1.51 -8.53
CA PRO A 172 1.83 -0.42 -7.88
C PRO A 172 2.80 0.32 -8.80
N ALA A 173 2.87 1.64 -8.56
CA ALA A 173 3.74 2.51 -9.37
C ALA A 173 5.23 2.25 -9.16
N LEU A 174 5.99 2.49 -10.20
CA LEU A 174 7.45 2.37 -10.21
C LEU A 174 8.01 3.67 -10.71
N LEU A 175 9.10 4.12 -10.07
CA LEU A 175 9.80 5.36 -10.42
C LEU A 175 10.93 5.09 -11.38
N GLN A 176 11.00 5.87 -12.46
CA GLN A 176 12.08 5.76 -13.42
C GLN A 176 12.35 7.12 -14.00
N SER A 177 13.62 7.55 -13.94
CA SER A 177 14.07 8.84 -14.45
C SER A 177 13.15 9.97 -13.96
N GLY A 178 12.83 9.94 -12.66
CA GLY A 178 12.05 10.96 -11.97
C GLY A 178 10.55 10.96 -12.13
N LEU A 179 9.97 10.04 -12.92
CA LEU A 179 8.52 10.01 -13.13
C LEU A 179 7.97 8.64 -12.85
N TYR A 180 6.71 8.58 -12.41
CA TYR A 180 6.07 7.30 -12.09
C TYR A 180 5.28 6.74 -13.22
N THR A 181 5.22 5.40 -13.27
CA THR A 181 4.40 4.65 -14.17
C THR A 181 3.63 3.64 -13.36
N MET A 182 2.32 3.50 -13.60
CA MET A 182 1.49 2.48 -13.00
C MET A 182 0.54 1.99 -14.05
N SER A 183 -0.18 0.92 -13.75
CA SER A 183 -1.18 0.42 -14.68
C SER A 183 -2.30 -0.23 -13.90
N SER A 184 -3.41 -0.46 -14.60
CA SER A 184 -4.58 -1.05 -14.01
C SER A 184 -5.27 -1.90 -15.05
N SER A 185 -5.81 -3.08 -14.65
CA SER A 185 -6.54 -3.93 -15.57
CA SER A 185 -6.49 -4.04 -15.49
C SER A 185 -7.94 -4.20 -15.06
N VAL A 186 -8.85 -4.45 -15.99
CA VAL A 186 -10.23 -4.79 -15.66
C VAL A 186 -10.63 -5.95 -16.58
N THR A 187 -11.39 -6.90 -16.08
CA THR A 187 -11.86 -8.03 -16.89
C THR A 187 -13.38 -8.02 -16.80
N VAL A 188 -14.05 -8.04 -17.94
CA VAL A 188 -15.51 -7.98 -18.02
C VAL A 188 -15.99 -9.00 -19.03
N PRO A 189 -17.31 -9.34 -19.03
CA PRO A 189 -17.78 -10.25 -20.07
C PRO A 189 -17.65 -9.61 -21.44
N SER A 190 -17.26 -10.40 -22.44
CA SER A 190 -17.14 -9.91 -23.82
CA SER A 190 -17.15 -9.90 -23.82
C SER A 190 -18.51 -9.42 -24.35
N SER A 191 -19.62 -9.82 -23.70
CA SER A 191 -20.95 -9.37 -24.07
C SER A 191 -21.23 -7.94 -23.55
N THR A 192 -20.36 -7.36 -22.65
CA THR A 192 -20.55 -6.01 -22.10
C THR A 192 -19.58 -4.98 -22.73
N TRP A 193 -18.50 -5.41 -23.41
CA TRP A 193 -17.58 -4.51 -24.12
C TRP A 193 -17.18 -5.15 -25.45
N PRO A 194 -17.16 -4.42 -26.57
CA PRO A 194 -17.41 -2.98 -26.75
C PRO A 194 -18.88 -2.53 -26.85
N SER A 195 -19.88 -3.42 -26.62
CA SER A 195 -21.30 -3.02 -26.73
C SER A 195 -21.72 -1.96 -25.69
N GLN A 196 -21.06 -1.92 -24.51
CA GLN A 196 -21.29 -0.89 -23.48
C GLN A 196 -19.96 -0.18 -23.25
N THR A 197 -20.01 1.00 -22.67
CA THR A 197 -18.82 1.79 -22.47
C THR A 197 -18.03 1.27 -21.29
N VAL A 198 -16.69 1.24 -21.45
CA VAL A 198 -15.76 0.94 -20.38
C VAL A 198 -14.77 2.12 -20.33
N THR A 199 -14.67 2.77 -19.20
CA THR A 199 -13.80 3.94 -19.01
C THR A 199 -12.96 3.79 -17.76
N CYS A 200 -11.67 4.15 -17.83
CA CYS A 200 -10.82 4.21 -16.64
C CYS A 200 -10.69 5.69 -16.26
N SER A 201 -11.02 6.02 -15.02
CA SER A 201 -10.93 7.38 -14.50
C SER A 201 -9.70 7.47 -13.60
N VAL A 202 -8.71 8.27 -14.00
CA VAL A 202 -7.44 8.34 -13.31
C VAL A 202 -7.32 9.67 -12.60
N ALA A 203 -7.42 9.63 -11.25
CA ALA A 203 -7.32 10.86 -10.46
C ALA A 203 -5.94 11.03 -9.92
N HIS A 204 -5.38 12.23 -10.07
CA HIS A 204 -4.07 12.61 -9.57
C HIS A 204 -4.23 13.86 -8.68
N PRO A 205 -4.60 13.67 -7.41
CA PRO A 205 -4.85 14.84 -6.53
C PRO A 205 -3.72 15.89 -6.49
N ALA A 206 -2.45 15.46 -6.54
CA ALA A 206 -1.32 16.41 -6.50
C ALA A 206 -1.36 17.44 -7.60
N SER A 207 -1.87 17.09 -8.80
CA SER A 207 -2.00 18.02 -9.94
C SER A 207 -3.46 18.50 -10.12
N SER A 208 -4.39 18.10 -9.23
CA SER A 208 -5.81 18.38 -9.28
C SER A 208 -6.41 17.97 -10.62
N THR A 209 -5.88 16.89 -11.21
CA THR A 209 -6.33 16.49 -12.54
C THR A 209 -6.89 15.09 -12.52
N THR A 210 -7.97 14.89 -13.29
CA THR A 210 -8.56 13.59 -13.54
C THR A 210 -8.64 13.40 -15.04
N VAL A 211 -8.19 12.24 -15.52
CA VAL A 211 -8.30 11.87 -16.91
C VAL A 211 -9.25 10.68 -17.03
N ASP A 212 -10.41 10.79 -17.75
CA ASP A 212 -11.40 9.69 -17.90
C ASP A 212 -11.32 9.12 -19.34
N LYS A 213 -10.51 8.05 -19.54
CA LYS A 213 -10.20 7.48 -20.87
C LYS A 213 -11.14 6.34 -21.26
N LYS A 214 -11.82 6.49 -22.41
CA LYS A 214 -12.73 5.46 -22.91
C LYS A 214 -11.96 4.40 -23.67
N LEU A 215 -12.23 3.13 -23.41
CA LEU A 215 -11.57 2.04 -24.12
C LEU A 215 -12.27 1.80 -25.45
N GLU A 216 -11.54 1.98 -26.56
CA GLU A 216 -12.08 1.75 -27.91
C GLU A 216 -11.53 0.46 -28.52
N PRO A 217 -12.36 -0.32 -29.23
CA PRO A 217 -11.86 -1.55 -29.88
C PRO A 217 -10.99 -1.29 -31.10
N ASN B 1 16.12 2.84 24.52
CA ASN B 1 15.57 2.25 23.31
C ASN B 1 14.88 0.93 23.61
N ILE B 2 13.67 0.73 23.08
CA ILE B 2 12.99 -0.57 23.16
C ILE B 2 12.83 -0.98 21.69
N VAL B 3 13.45 -2.08 21.32
CA VAL B 3 13.40 -2.64 19.97
C VAL B 3 12.48 -3.83 20.01
N LEU B 4 11.52 -3.84 19.08
CA LEU B 4 10.57 -4.93 18.90
C LEU B 4 10.99 -5.70 17.69
N THR B 5 11.41 -6.94 17.89
CA THR B 5 11.87 -7.82 16.81
C THR B 5 10.81 -8.90 16.58
N GLN B 6 10.14 -8.83 15.42
CA GLN B 6 9.14 -9.82 15.02
C GLN B 6 9.78 -10.99 14.35
N SER B 7 9.10 -12.12 14.43
CA SER B 7 9.54 -13.34 13.74
C SER B 7 8.31 -14.13 13.36
N PRO B 8 8.30 -14.78 12.19
CA PRO B 8 9.28 -14.72 11.12
C PRO B 8 9.08 -13.43 10.32
N VAL B 9 9.93 -13.20 9.34
CA VAL B 9 9.77 -12.06 8.43
CA VAL B 9 9.77 -12.05 8.49
C VAL B 9 8.54 -12.26 7.57
N SER B 10 8.30 -13.48 7.21
CA SER B 10 7.16 -13.82 6.40
C SER B 10 6.83 -15.26 6.61
N LEU B 11 5.59 -15.57 6.34
CA LEU B 11 5.14 -16.95 6.47
C LEU B 11 3.97 -17.21 5.60
N ALA B 12 3.83 -18.44 5.18
CA ALA B 12 2.75 -18.86 4.31
C ALA B 12 1.90 -19.89 5.04
N VAL B 13 0.59 -19.70 5.12
CA VAL B 13 -0.30 -20.57 5.87
C VAL B 13 -1.52 -20.94 5.04
N SER B 14 -2.05 -22.13 5.26
CA SER B 14 -3.23 -22.61 4.56
C SER B 14 -4.55 -22.14 5.19
N LEU B 15 -5.59 -22.05 4.41
CA LEU B 15 -6.91 -21.69 4.95
C LEU B 15 -7.35 -22.69 6.01
N GLY B 16 -7.89 -22.18 7.13
CA GLY B 16 -8.36 -23.02 8.23
C GLY B 16 -7.34 -23.36 9.29
N GLN B 17 -6.02 -23.11 9.05
CA GLN B 17 -5.01 -23.44 10.00
C GLN B 17 -4.83 -22.31 10.99
N ARG B 18 -4.09 -22.61 12.04
CA ARG B 18 -3.74 -21.71 13.12
C ARG B 18 -2.35 -21.17 12.83
N ALA B 19 -2.23 -19.83 12.66
CA ALA B 19 -0.96 -19.14 12.35
C ALA B 19 -0.50 -18.39 13.59
N THR B 20 0.77 -18.46 13.93
CA THR B 20 1.32 -17.73 15.09
C THR B 20 2.54 -16.94 14.66
N ILE B 21 2.59 -15.67 15.11
CA ILE B 21 3.63 -14.68 14.83
CA ILE B 21 3.74 -14.83 14.85
C ILE B 21 4.20 -14.21 16.17
N SER B 22 5.49 -14.00 16.27
CA SER B 22 6.13 -13.59 17.49
C SER B 22 6.62 -12.12 17.47
N CYS B 23 6.67 -11.50 18.64
CA CYS B 23 7.23 -10.18 18.86
C CYS B 23 8.08 -10.26 20.12
N ARG B 24 9.40 -10.06 20.01
CA ARG B 24 10.30 -10.06 21.14
C ARG B 24 10.82 -8.65 21.38
N ALA B 25 10.60 -8.13 22.59
CA ALA B 25 11.04 -6.80 22.98
C ALA B 25 12.42 -6.86 23.63
N SER B 26 13.25 -5.85 23.37
CA SER B 26 14.61 -5.85 23.92
C SER B 26 14.62 -5.64 25.43
N GLU B 27 13.59 -5.01 25.97
CA GLU B 27 13.39 -4.76 27.39
C GLU B 27 11.91 -4.87 27.64
N SER B 28 11.54 -5.14 28.91
CA SER B 28 10.16 -5.34 29.25
C SER B 28 9.26 -4.17 28.82
N VAL B 29 8.05 -4.49 28.32
CA VAL B 29 7.09 -3.45 27.94
C VAL B 29 5.92 -3.47 28.92
N ASP B 30 6.19 -4.00 30.14
CA ASP B 30 5.17 -4.06 31.17
C ASP B 30 5.27 -2.91 32.12
N SER B 31 4.12 -2.49 32.63
CA SER B 31 4.03 -1.60 33.78
C SER B 31 2.63 -1.69 34.36
N TYR B 32 2.52 -1.54 35.70
CA TYR B 32 1.23 -1.58 36.39
C TYR B 32 0.47 -2.93 36.19
N GLY B 33 1.18 -4.03 35.93
CA GLY B 33 0.55 -5.33 35.74
C GLY B 33 -0.06 -5.54 34.37
N LYS B 34 0.26 -4.63 33.45
CA LYS B 34 -0.21 -4.61 32.07
C LYS B 34 0.95 -4.72 31.11
N SER B 35 0.74 -5.30 29.93
CA SER B 35 1.75 -5.30 28.87
C SER B 35 1.26 -4.32 27.81
N PHE B 36 1.93 -3.19 27.63
CA PHE B 36 1.51 -2.15 26.68
C PHE B 36 2.07 -2.51 25.32
N LEU B 37 1.57 -3.65 24.79
CA LEU B 37 1.99 -4.27 23.55
C LEU B 37 0.71 -4.59 22.78
N HIS B 38 0.60 -4.08 21.55
CA HIS B 38 -0.59 -4.19 20.74
C HIS B 38 -0.23 -4.69 19.36
N TRP B 39 -1.22 -5.24 18.69
CA TRP B 39 -1.05 -5.82 17.35
C TRP B 39 -2.00 -5.23 16.36
N TYR B 40 -1.48 -4.99 15.13
CA TYR B 40 -2.22 -4.39 14.01
C TYR B 40 -2.08 -5.19 12.74
N GLN B 41 -3.10 -5.08 11.89
CA GLN B 41 -3.09 -5.59 10.53
C GLN B 41 -3.00 -4.42 9.61
N GLN B 42 -2.17 -4.52 8.57
CA GLN B 42 -2.18 -3.46 7.56
C GLN B 42 -2.14 -4.06 6.16
N LYS B 43 -3.05 -3.60 5.34
CA LYS B 43 -3.16 -3.94 3.92
C LYS B 43 -2.75 -2.76 3.08
N PRO B 44 -2.40 -2.98 1.79
CA PRO B 44 -1.98 -1.86 0.94
C PRO B 44 -3.08 -0.83 0.75
N GLY B 45 -2.67 0.43 0.76
CA GLY B 45 -3.57 1.55 0.58
C GLY B 45 -4.50 1.81 1.74
N GLN B 46 -4.30 1.12 2.89
CA GLN B 46 -5.16 1.26 4.06
C GLN B 46 -4.31 1.55 5.28
N PRO B 47 -4.90 2.24 6.26
CA PRO B 47 -4.20 2.42 7.52
C PRO B 47 -4.13 1.09 8.31
N PRO B 48 -3.26 1.00 9.31
CA PRO B 48 -3.27 -0.19 10.17
C PRO B 48 -4.60 -0.25 10.92
N LYS B 49 -4.98 -1.47 11.29
CA LYS B 49 -6.16 -1.79 12.06
C LYS B 49 -5.78 -2.50 13.31
N LEU B 50 -6.23 -1.99 14.45
CA LEU B 50 -5.97 -2.59 15.74
C LEU B 50 -6.72 -3.89 15.89
N LEU B 51 -5.98 -4.96 16.20
CA LEU B 51 -6.57 -6.28 16.39
C LEU B 51 -6.66 -6.62 17.90
N ILE B 52 -5.53 -6.47 18.57
CA ILE B 52 -5.32 -6.88 19.95
C ILE B 52 -4.60 -5.81 20.69
N TYR B 53 -5.06 -5.50 21.90
CA TYR B 53 -4.39 -4.52 22.72
C TYR B 53 -4.14 -5.10 24.09
N LEU B 54 -3.15 -4.55 24.74
CA LEU B 54 -2.72 -4.97 26.07
C LEU B 54 -2.41 -6.46 26.08
N ALA B 55 -1.71 -6.87 25.01
CA ALA B 55 -1.22 -8.20 24.71
C ALA B 55 -2.29 -9.24 24.40
N SER B 56 -3.48 -9.20 25.03
CA SER B 56 -4.43 -10.32 24.90
C SER B 56 -5.85 -9.92 24.78
N ASN B 57 -6.17 -8.62 24.58
CA ASN B 57 -7.55 -8.19 24.49
C ASN B 57 -8.01 -7.94 23.05
N LEU B 58 -9.09 -8.59 22.63
CA LEU B 58 -9.63 -8.39 21.30
C LEU B 58 -10.30 -7.01 21.16
N GLU B 59 -9.91 -6.26 20.13
CA GLU B 59 -10.48 -4.96 19.86
C GLU B 59 -11.95 -5.11 19.45
N SER B 60 -12.84 -4.29 20.03
CA SER B 60 -14.25 -4.37 19.68
C SER B 60 -14.46 -4.12 18.18
N GLY B 61 -15.33 -4.94 17.58
CA GLY B 61 -15.62 -4.88 16.14
C GLY B 61 -14.76 -5.77 15.28
N VAL B 62 -13.70 -6.38 15.84
CA VAL B 62 -12.84 -7.29 15.13
C VAL B 62 -13.34 -8.71 15.39
N PRO B 63 -13.49 -9.54 14.36
CA PRO B 63 -13.95 -10.92 14.61
C PRO B 63 -12.92 -11.72 15.42
N ALA B 64 -13.40 -12.64 16.28
CA ALA B 64 -12.55 -13.40 17.14
C ALA B 64 -11.79 -14.50 16.47
N ARG B 65 -11.09 -14.17 15.38
CA ARG B 65 -10.12 -15.07 14.77
C ARG B 65 -8.71 -14.64 15.17
N PHE B 66 -8.58 -13.57 15.95
CA PHE B 66 -7.32 -13.04 16.40
C PHE B 66 -7.25 -13.17 17.91
N SER B 67 -6.11 -13.60 18.42
CA SER B 67 -5.90 -13.65 19.86
C SER B 67 -4.42 -13.38 20.11
N GLY B 68 -4.10 -13.02 21.33
CA GLY B 68 -2.72 -12.71 21.68
C GLY B 68 -2.36 -13.20 23.05
N SER B 69 -1.06 -13.45 23.25
CA SER B 69 -0.56 -13.83 24.55
C SER B 69 0.81 -13.29 24.78
N GLY B 70 1.27 -13.42 26.01
CA GLY B 70 2.63 -13.05 26.39
C GLY B 70 2.64 -11.96 27.43
N SER B 71 3.85 -11.72 27.97
CA SER B 71 4.12 -10.65 28.89
C SER B 71 5.62 -10.34 28.88
N ARG B 72 6.01 -9.23 29.51
CA ARG B 72 7.39 -8.80 29.70
C ARG B 72 8.09 -8.55 28.33
N THR B 73 8.77 -9.56 27.76
CA THR B 73 9.48 -9.37 26.51
C THR B 73 9.04 -10.30 25.40
N ASP B 74 8.16 -11.30 25.59
CA ASP B 74 7.85 -12.23 24.52
C ASP B 74 6.36 -12.33 24.34
N PHE B 75 5.91 -12.07 23.10
CA PHE B 75 4.50 -11.98 22.75
C PHE B 75 4.20 -12.74 21.50
N THR B 76 2.95 -13.24 21.39
CA THR B 76 2.51 -13.99 20.23
C THR B 76 1.16 -13.51 19.77
N LEU B 77 0.98 -13.39 18.46
CA LEU B 77 -0.31 -13.15 17.83
C LEU B 77 -0.69 -14.45 17.15
N THR B 78 -1.96 -14.90 17.34
CA THR B 78 -2.52 -16.08 16.71
C THR B 78 -3.68 -15.70 15.84
N ILE B 79 -3.70 -16.20 14.61
CA ILE B 79 -4.77 -16.02 13.66
C ILE B 79 -5.33 -17.42 13.47
N ASP B 80 -6.61 -17.58 13.78
CA ASP B 80 -7.22 -18.89 13.78
C ASP B 80 -8.73 -18.80 13.75
N PRO B 81 -9.37 -19.35 12.71
CA PRO B 81 -8.75 -19.91 11.49
C PRO B 81 -8.25 -18.84 10.54
N VAL B 82 -7.19 -19.13 9.79
CA VAL B 82 -6.70 -18.25 8.72
C VAL B 82 -7.74 -18.23 7.58
N GLU B 83 -8.06 -17.07 7.09
CA GLU B 83 -8.97 -16.83 5.98
C GLU B 83 -8.22 -16.07 4.89
N ALA B 84 -8.75 -16.09 3.67
CA ALA B 84 -8.12 -15.42 2.55
C ALA B 84 -7.93 -13.90 2.79
N ASP B 85 -8.85 -13.27 3.56
CA ASP B 85 -8.80 -11.84 3.86
C ASP B 85 -7.62 -11.50 4.80
N ASP B 86 -6.94 -12.50 5.33
CA ASP B 86 -5.81 -12.26 6.25
C ASP B 86 -4.49 -11.98 5.54
N ALA B 87 -4.47 -11.98 4.21
CA ALA B 87 -3.26 -11.63 3.44
C ALA B 87 -2.95 -10.17 3.75
N ALA B 88 -1.85 -9.93 4.48
CA ALA B 88 -1.54 -8.62 5.03
C ALA B 88 -0.20 -8.65 5.72
N THR B 89 0.22 -7.49 6.23
CA THR B 89 1.38 -7.37 7.11
C THR B 89 0.87 -7.11 8.53
N TYR B 90 1.45 -7.81 9.50
CA TYR B 90 1.05 -7.71 10.90
C TYR B 90 2.16 -7.07 11.69
N TYR B 91 1.83 -6.08 12.55
CA TYR B 91 2.81 -5.35 13.33
C TYR B 91 2.53 -5.41 14.80
N CYS B 92 3.57 -5.50 15.62
CA CYS B 92 3.40 -5.26 17.05
C CYS B 92 3.87 -3.82 17.29
N GLN B 93 3.49 -3.26 18.43
CA GLN B 93 3.86 -1.90 18.81
C GLN B 93 3.70 -1.74 20.28
N HIS B 94 4.61 -1.00 20.91
CA HIS B 94 4.48 -0.77 22.33
C HIS B 94 4.29 0.72 22.62
N ASN B 95 3.74 1.00 23.82
CA ASN B 95 3.65 2.38 24.28
C ASN B 95 3.84 2.36 25.82
N ASN B 96 4.81 1.61 26.29
CA ASN B 96 5.09 1.52 27.74
C ASN B 96 5.90 2.68 28.25
N GLU B 97 6.76 3.23 27.46
CA GLU B 97 7.66 4.28 27.88
C GLU B 97 8.28 4.91 26.64
N ASP B 98 8.91 6.08 26.83
CA ASP B 98 9.59 6.73 25.75
C ASP B 98 10.84 5.96 25.37
N PRO B 99 11.11 5.66 24.10
CA PRO B 99 10.30 5.93 22.90
C PRO B 99 9.31 4.82 22.53
N TRP B 100 8.16 5.22 22.07
CA TRP B 100 7.17 4.29 21.53
C TRP B 100 7.66 3.84 20.19
N THR B 101 7.57 2.55 19.92
CA THR B 101 8.07 2.01 18.66
C THR B 101 7.18 0.89 18.17
N PHE B 102 7.32 0.62 16.88
CA PHE B 102 6.65 -0.46 16.16
C PHE B 102 7.67 -1.51 15.80
N GLY B 103 7.19 -2.72 15.62
CA GLY B 103 7.98 -3.79 15.02
C GLY B 103 8.08 -3.53 13.52
N GLY B 104 8.83 -4.38 12.84
CA GLY B 104 9.10 -4.26 11.40
C GLY B 104 8.14 -4.93 10.46
N GLY B 105 7.25 -5.72 11.04
CA GLY B 105 6.19 -6.38 10.31
C GLY B 105 6.51 -7.82 9.95
N THR B 106 5.44 -8.63 9.87
CA THR B 106 5.50 -10.01 9.39
C THR B 106 4.50 -10.08 8.28
N LYS B 107 4.94 -10.51 7.10
CA LYS B 107 4.06 -10.66 5.97
C LYS B 107 3.43 -12.03 5.96
N LEU B 108 2.10 -12.09 5.94
CA LEU B 108 1.40 -13.33 5.87
C LEU B 108 0.88 -13.59 4.47
N GLU B 109 1.29 -14.71 3.92
CA GLU B 109 0.85 -15.21 2.64
CA GLU B 109 0.81 -15.19 2.63
C GLU B 109 -0.17 -16.32 2.84
N ILE B 110 -1.25 -16.35 2.03
CA ILE B 110 -2.25 -17.41 2.11
C ILE B 110 -1.91 -18.42 1.05
N LYS B 111 -1.75 -19.69 1.44
CA LYS B 111 -1.49 -20.74 0.47
C LYS B 111 -2.76 -21.04 -0.28
N ARG B 112 -2.60 -21.36 -1.56
CA ARG B 112 -3.73 -21.77 -2.39
C ARG B 112 -3.21 -22.67 -3.47
N ALA B 113 -4.11 -23.19 -4.29
CA ALA B 113 -3.72 -24.10 -5.32
C ALA B 113 -2.88 -23.39 -6.38
N ASP B 114 -1.99 -24.14 -7.01
CA ASP B 114 -1.20 -23.59 -8.12
C ASP B 114 -2.09 -23.19 -9.28
N ALA B 115 -1.84 -22.01 -9.87
CA ALA B 115 -2.62 -21.43 -10.91
C ALA B 115 -1.75 -20.72 -11.92
N ALA B 116 -1.88 -21.10 -13.18
CA ALA B 116 -1.18 -20.45 -14.28
C ALA B 116 -1.77 -19.06 -14.49
N PRO B 117 -0.95 -18.12 -14.98
CA PRO B 117 -1.48 -16.78 -15.27
C PRO B 117 -2.37 -16.74 -16.51
N THR B 118 -3.31 -15.79 -16.52
CA THR B 118 -4.06 -15.46 -17.74
C THR B 118 -3.24 -14.32 -18.36
N VAL B 119 -2.67 -14.52 -19.56
CA VAL B 119 -1.74 -13.55 -20.15
C VAL B 119 -2.41 -12.77 -21.29
N SER B 120 -2.32 -11.44 -21.24
CA SER B 120 -2.86 -10.53 -22.26
C SER B 120 -1.77 -9.60 -22.71
N ILE B 121 -1.62 -9.41 -24.02
CA ILE B 121 -0.61 -8.51 -24.62
C ILE B 121 -1.37 -7.35 -25.26
N PHE B 122 -0.79 -6.15 -25.17
CA PHE B 122 -1.37 -4.93 -25.71
C PHE B 122 -0.34 -4.14 -26.51
N PRO B 123 -0.66 -3.76 -27.77
CA PRO B 123 0.24 -2.86 -28.49
C PRO B 123 0.16 -1.42 -27.99
N PRO B 124 1.11 -0.58 -28.38
CA PRO B 124 1.03 0.83 -28.05
C PRO B 124 -0.26 1.46 -28.56
N SER B 125 -0.77 2.41 -27.79
CA SER B 125 -1.97 3.11 -28.20
C SER B 125 -1.62 4.12 -29.30
N SER B 126 -2.62 4.46 -30.13
CA SER B 126 -2.44 5.48 -31.15
C SER B 126 -2.08 6.83 -30.46
N GLU B 127 -2.69 7.10 -29.29
CA GLU B 127 -2.39 8.30 -28.51
C GLU B 127 -0.92 8.39 -28.15
N GLN B 128 -0.33 7.29 -27.62
CA GLN B 128 1.08 7.32 -27.25
C GLN B 128 1.98 7.46 -28.48
N LEU B 129 1.64 6.75 -29.57
CA LEU B 129 2.43 6.81 -30.81
C LEU B 129 2.44 8.24 -31.37
N THR B 130 1.33 8.98 -31.24
CA THR B 130 1.27 10.39 -31.67
C THR B 130 2.34 11.23 -30.93
N SER B 131 2.67 10.90 -29.65
CA SER B 131 3.68 11.62 -28.86
C SER B 131 5.13 11.13 -29.03
N GLY B 132 5.38 10.14 -29.91
CA GLY B 132 6.71 9.65 -30.17
C GLY B 132 7.18 8.47 -29.32
N GLY B 133 6.31 7.93 -28.49
CA GLY B 133 6.66 6.81 -27.62
C GLY B 133 5.86 5.58 -27.96
N ALA B 134 6.36 4.42 -27.49
CA ALA B 134 5.72 3.16 -27.75
C ALA B 134 5.90 2.19 -26.58
N SER B 135 4.85 1.99 -25.80
CA SER B 135 4.89 1.01 -24.71
C SER B 135 4.08 -0.19 -25.09
N VAL B 136 4.64 -1.39 -24.89
CA VAL B 136 3.97 -2.66 -25.11
C VAL B 136 3.75 -3.22 -23.72
N VAL B 137 2.57 -3.73 -23.45
CA VAL B 137 2.20 -4.17 -22.11
C VAL B 137 1.71 -5.60 -22.13
N CYS B 138 2.09 -6.35 -21.07
CA CYS B 138 1.70 -7.72 -20.84
CA CYS B 138 1.53 -7.68 -20.82
C CYS B 138 1.05 -7.76 -19.42
N PHE B 139 -0.17 -8.25 -19.25
CA PHE B 139 -0.75 -8.52 -17.93
C PHE B 139 -0.68 -10.02 -17.74
N LEU B 140 -0.17 -10.46 -16.60
CA LEU B 140 -0.14 -11.87 -16.16
C LEU B 140 -1.06 -11.86 -14.96
N ASN B 141 -2.32 -12.28 -15.12
CA ASN B 141 -3.29 -12.12 -14.05
C ASN B 141 -3.71 -13.42 -13.39
N ASN B 142 -3.94 -13.33 -12.06
CA ASN B 142 -4.56 -14.37 -11.24
C ASN B 142 -3.76 -15.67 -11.24
N PHE B 143 -2.51 -15.57 -10.84
CA PHE B 143 -1.63 -16.73 -10.77
C PHE B 143 -1.13 -17.00 -9.35
N TYR B 144 -0.60 -18.19 -9.13
CA TYR B 144 -0.05 -18.58 -7.85
C TYR B 144 0.88 -19.78 -8.07
N PRO B 145 2.08 -19.85 -7.49
CA PRO B 145 2.69 -18.90 -6.53
C PRO B 145 3.16 -17.61 -7.19
N LYS B 146 3.67 -16.70 -6.37
CA LYS B 146 4.07 -15.36 -6.81
C LYS B 146 5.27 -15.35 -7.78
N ASP B 147 6.15 -16.33 -7.67
CA ASP B 147 7.39 -16.35 -8.45
C ASP B 147 7.10 -16.57 -9.93
N ILE B 148 7.23 -15.54 -10.73
CA ILE B 148 7.00 -15.65 -12.18
C ILE B 148 7.98 -14.73 -12.85
N ASN B 149 8.46 -15.08 -14.03
CA ASN B 149 9.41 -14.22 -14.70
C ASN B 149 8.96 -13.96 -16.12
N VAL B 150 9.04 -12.68 -16.54
CA VAL B 150 8.60 -12.28 -17.86
C VAL B 150 9.82 -11.93 -18.67
N LYS B 151 9.84 -12.39 -19.92
CA LYS B 151 10.88 -12.10 -20.90
C LYS B 151 10.23 -11.48 -22.12
N TRP B 152 10.70 -10.29 -22.53
CA TRP B 152 10.28 -9.65 -23.77
C TRP B 152 11.16 -10.06 -24.91
N LYS B 153 10.57 -10.32 -26.08
CA LYS B 153 11.36 -10.58 -27.28
C LYS B 153 10.82 -9.66 -28.38
N ILE B 154 11.73 -8.98 -29.08
CA ILE B 154 11.43 -8.11 -30.21
C ILE B 154 12.06 -8.82 -31.39
N ASP B 155 11.26 -9.24 -32.36
CA ASP B 155 11.76 -10.03 -33.49
C ASP B 155 12.55 -11.24 -33.00
N GLY B 156 12.05 -11.90 -31.96
CA GLY B 156 12.67 -13.09 -31.40
C GLY B 156 13.91 -12.88 -30.55
N SER B 157 14.37 -11.62 -30.38
CA SER B 157 15.56 -11.31 -29.62
C SER B 157 15.18 -10.72 -28.27
N GLU B 158 15.75 -11.28 -27.20
CA GLU B 158 15.46 -10.81 -25.85
C GLU B 158 15.80 -9.35 -25.67
N ARG B 159 14.90 -8.60 -25.01
CA ARG B 159 15.08 -7.19 -24.72
C ARG B 159 14.94 -6.97 -23.22
N ASN B 160 16.01 -6.53 -22.55
CA ASN B 160 15.98 -6.26 -21.08
C ASN B 160 15.79 -4.78 -20.77
N ASN B 161 16.43 -3.89 -21.57
CA ASN B 161 16.34 -2.45 -21.35
C ASN B 161 14.94 -1.92 -21.64
N GLY B 162 14.48 -1.03 -20.77
CA GLY B 162 13.18 -0.38 -20.90
C GLY B 162 12.00 -1.17 -20.37
N VAL B 163 12.25 -2.17 -19.48
CA VAL B 163 11.16 -2.98 -18.95
C VAL B 163 10.86 -2.62 -17.51
N LEU B 164 9.57 -2.48 -17.17
CA LEU B 164 9.09 -2.25 -15.82
C LEU B 164 8.07 -3.31 -15.46
N ASN B 165 8.31 -4.06 -14.36
CA ASN B 165 7.46 -5.15 -13.91
C ASN B 165 6.91 -4.86 -12.55
N SER B 166 5.62 -4.92 -12.38
CA SER B 166 4.98 -4.56 -11.11
C SER B 166 3.98 -5.64 -10.70
N TRP B 167 4.11 -6.12 -9.44
CA TRP B 167 3.20 -7.12 -8.88
C TRP B 167 2.17 -6.49 -7.96
N THR B 168 0.99 -7.05 -7.97
CA THR B 168 -0.02 -6.71 -6.97
C THR B 168 0.37 -7.34 -5.66
N ASP B 169 -0.31 -6.91 -4.61
CA ASP B 169 -0.25 -7.61 -3.34
C ASP B 169 -1.19 -8.81 -3.51
N GLN B 170 -1.13 -9.80 -2.62
CA GLN B 170 -1.99 -10.97 -2.76
C GLN B 170 -3.49 -10.64 -2.65
N ASP B 171 -4.30 -11.21 -3.52
CA ASP B 171 -5.73 -10.93 -3.58
C ASP B 171 -6.43 -11.40 -2.30
N SER B 172 -7.25 -10.54 -1.70
CA SER B 172 -7.94 -10.84 -0.43
C SER B 172 -9.07 -11.85 -0.56
N LYS B 173 -9.53 -12.10 -1.79
CA LYS B 173 -10.62 -13.01 -2.11
C LYS B 173 -10.14 -14.35 -2.65
N ASP B 174 -9.28 -14.35 -3.70
CA ASP B 174 -8.90 -15.62 -4.32
C ASP B 174 -7.42 -16.01 -4.06
N SER B 175 -6.62 -15.21 -3.30
CA SER B 175 -5.27 -15.52 -2.87
C SER B 175 -4.30 -15.63 -4.05
N THR B 176 -4.65 -15.04 -5.21
CA THR B 176 -3.72 -15.05 -6.32
C THR B 176 -2.92 -13.76 -6.33
N TYR B 177 -1.99 -13.70 -7.24
CA TYR B 177 -1.23 -12.50 -7.57
C TYR B 177 -1.48 -12.17 -9.04
N SER B 178 -1.19 -10.91 -9.39
CA SER B 178 -1.18 -10.46 -10.78
C SER B 178 0.03 -9.58 -10.98
N MET B 179 0.52 -9.44 -12.22
CA MET B 179 1.60 -8.52 -12.44
C MET B 179 1.45 -7.93 -13.84
N SER B 180 2.05 -6.77 -14.00
CA SER B 180 2.07 -6.01 -15.24
C SER B 180 3.51 -5.83 -15.65
N SER B 181 3.80 -6.04 -16.94
CA SER B 181 5.11 -5.84 -17.54
C SER B 181 4.98 -4.86 -18.69
N THR B 182 5.75 -3.77 -18.66
CA THR B 182 5.70 -2.75 -19.70
C THR B 182 7.06 -2.60 -20.33
N LEU B 183 7.14 -2.77 -21.67
CA LEU B 183 8.37 -2.55 -22.43
C LEU B 183 8.21 -1.19 -23.12
N THR B 184 9.07 -0.21 -22.80
CA THR B 184 8.92 1.12 -23.39
C THR B 184 10.05 1.36 -24.36
N LEU B 185 9.67 1.73 -25.57
CA LEU B 185 10.58 2.03 -26.67
C LEU B 185 10.28 3.36 -27.24
N THR B 186 11.14 3.85 -28.15
CA THR B 186 10.79 5.04 -28.90
C THR B 186 9.89 4.57 -30.03
N LYS B 187 9.08 5.47 -30.61
CA LYS B 187 8.22 5.12 -31.76
C LYS B 187 9.10 4.66 -32.94
N ASP B 188 10.27 5.29 -33.15
CA ASP B 188 11.16 4.90 -34.25
C ASP B 188 11.68 3.46 -34.06
N GLU B 189 12.09 3.09 -32.83
CA GLU B 189 12.56 1.72 -32.51
C GLU B 189 11.42 0.73 -32.74
N TYR B 190 10.23 1.08 -32.23
CA TYR B 190 9.04 0.23 -32.36
C TYR B 190 8.72 -0.10 -33.84
N GLU B 191 8.81 0.93 -34.70
CA GLU B 191 8.49 0.78 -36.13
C GLU B 191 9.62 0.09 -36.96
N ARG B 192 10.78 -0.21 -36.37
CA ARG B 192 11.87 -0.94 -37.05
C ARG B 192 11.74 -2.47 -36.85
N HIS B 193 10.74 -2.95 -36.06
CA HIS B 193 10.56 -4.37 -35.79
C HIS B 193 9.09 -4.73 -35.90
N ASN B 194 8.80 -5.98 -36.14
CA ASN B 194 7.43 -6.44 -36.39
C ASN B 194 6.89 -7.34 -35.30
N SER B 195 7.70 -8.23 -34.70
CA SER B 195 7.23 -9.23 -33.76
C SER B 195 7.46 -8.82 -32.32
N TYR B 196 6.39 -8.77 -31.52
CA TYR B 196 6.47 -8.41 -30.09
C TYR B 196 5.88 -9.54 -29.27
N THR B 197 6.68 -10.07 -28.34
CA THR B 197 6.27 -11.21 -27.56
C THR B 197 6.65 -11.07 -26.12
N CYS B 198 5.74 -11.47 -25.22
CA CYS B 198 6.04 -11.56 -23.80
CA CYS B 198 6.07 -11.57 -23.81
C CYS B 198 5.92 -13.03 -23.43
N GLU B 199 6.93 -13.57 -22.73
CA GLU B 199 6.99 -15.01 -22.36
C GLU B 199 6.97 -15.10 -20.86
N ALA B 200 6.07 -15.89 -20.28
CA ALA B 200 5.91 -16.01 -18.83
C ALA B 200 6.37 -17.38 -18.34
N THR B 201 7.44 -17.42 -17.51
CA THR B 201 7.98 -18.67 -16.95
C THR B 201 7.41 -18.80 -15.55
N HIS B 202 6.81 -19.95 -15.25
CA HIS B 202 6.14 -20.23 -13.97
C HIS B 202 6.21 -21.72 -13.67
N LYS B 203 6.10 -22.12 -12.39
CA LYS B 203 6.21 -23.55 -12.09
C LYS B 203 5.06 -24.38 -12.68
N THR B 204 3.96 -23.76 -13.08
CA THR B 204 2.78 -24.44 -13.62
C THR B 204 2.94 -24.93 -15.06
N SER B 205 4.08 -24.67 -15.72
CA SER B 205 4.27 -25.22 -17.06
C SER B 205 5.76 -25.43 -17.31
N THR B 206 6.08 -26.50 -18.07
CA THR B 206 7.48 -26.78 -18.42
CA THR B 206 7.49 -26.77 -18.41
C THR B 206 7.96 -25.75 -19.44
N SER B 207 7.05 -25.31 -20.32
CA SER B 207 7.34 -24.33 -21.35
C SER B 207 6.62 -23.03 -20.99
N PRO B 208 7.23 -21.88 -21.30
CA PRO B 208 6.57 -20.60 -20.95
C PRO B 208 5.27 -20.35 -21.70
N ILE B 209 4.37 -19.51 -21.12
CA ILE B 209 3.18 -19.05 -21.80
C ILE B 209 3.66 -17.89 -22.67
N VAL B 210 3.35 -17.93 -23.96
CA VAL B 210 3.78 -16.92 -24.91
C VAL B 210 2.55 -16.19 -25.46
N LYS B 211 2.55 -14.86 -25.44
CA LYS B 211 1.57 -14.03 -26.08
C LYS B 211 2.33 -13.08 -27.02
N SER B 212 1.82 -12.91 -28.23
CA SER B 212 2.49 -12.11 -29.23
C SER B 212 1.53 -11.36 -30.12
N PHE B 213 2.08 -10.37 -30.82
CA PHE B 213 1.40 -9.71 -31.90
C PHE B 213 2.44 -9.26 -32.91
N ASN B 214 1.98 -9.03 -34.14
CA ASN B 214 2.77 -8.53 -35.24
C ASN B 214 2.28 -7.12 -35.57
N ARG B 215 3.18 -6.15 -35.54
CA ARG B 215 2.84 -4.73 -35.77
C ARG B 215 2.09 -4.55 -37.12
N ASN B 216 0.96 -3.82 -37.09
CA ASN B 216 0.11 -3.53 -38.27
C ASN B 216 -0.35 -4.80 -39.02
N ASP B 217 -0.62 -5.89 -38.28
CA ASP B 217 -1.15 -7.15 -38.83
C ASP B 217 -2.39 -7.56 -38.05
N LEU C 2 -5.30 4.56 34.42
CA LEU C 2 -4.01 5.19 34.20
C LEU C 2 -4.06 6.21 33.08
N ILE C 3 -3.20 7.20 33.17
CA ILE C 3 -3.04 8.26 32.17
C ILE C 3 -1.60 8.27 31.71
N ASN C 4 -1.35 8.84 30.52
CA ASN C 4 -0.02 8.92 29.99
C ASN C 4 0.54 10.34 30.04
N THR C 5 1.79 10.48 30.46
CA THR C 5 2.48 11.78 30.45
C THR C 5 3.89 11.53 30.01
N ASN C 6 4.38 12.27 28.98
CA ASN C 6 5.76 12.11 28.51
C ASN C 6 6.10 10.69 28.06
N GLY C 7 5.09 9.98 27.55
CA GLY C 7 5.25 8.63 27.05
C GLY C 7 5.04 7.50 28.04
N SER C 8 4.94 7.79 29.38
CA SER C 8 4.79 6.75 30.40
CA SER C 8 4.79 6.73 30.37
C SER C 8 3.44 6.83 31.06
N TRP C 9 2.95 5.66 31.53
CA TRP C 9 1.67 5.56 32.20
C TRP C 9 1.84 5.71 33.70
N HIS C 10 0.84 6.31 34.36
CA HIS C 10 0.89 6.52 35.81
C HIS C 10 -0.51 6.70 36.35
N VAL C 11 -0.65 6.50 37.67
CA VAL C 11 -1.96 6.59 38.33
C VAL C 11 -2.31 8.05 38.61
#